data_9M3P
#
_entry.id   9M3P
#
_cell.length_a   100.221
_cell.length_b   100.221
_cell.length_c   109.815
_cell.angle_alpha   90.00
_cell.angle_beta   90.00
_cell.angle_gamma   90.00
#
_symmetry.space_group_name_H-M   'P 41 21 2'
#
loop_
_entity.id
_entity.type
_entity.pdbx_description
1 polymer '[Pyruvate dehydrogenase (acetyl-transferring)] kinase isozyme 1, mitochondrial'
2 non-polymer 'POTASSIUM ION'
3 non-polymer N-[4-(2-chloro-5-methylpyrimidin-4-yl)phenyl]-N-(4-{[(difluoroacetyl)amino]methyl}benzyl)-2,4-dihydroxybenzamide
4 non-polymer GLYCEROL
5 water water
#
_entity_poly.entity_id   1
_entity_poly.type   'polypeptide(L)'
_entity_poly.pdbx_seq_one_letter_code
;GVPGQVDFYARFSPSPLSMKQFLDFGSVNACEKTSFMFLRQELPVRLANIMKEISLLPDNLLRTPSVQLVQSWYIQSLQE
LLDFKDKSAEDAKAIYDFTDTVIRIRNRHNDVIPTMAQGVIEYKESFGVDPVTSQNVQYFLDRFYMSRISIRMLLNQHSL
LFGGKGKGSPSHRKHIGSINPNCNVLEVIKDGYENARRLCDLYYINSPELELEELNAKSPGQPIQVVYVPSHLYHMVFEL
FKNAMRATMEHHANRGVYPPIQVHVTLGNEDLTVKMSDRGGGVPLRKIDRLFNYMYSTAPRPRVETSRAVPLAGFGYGLP
ISRLYAQYFQGDLKLYSLEGYGTDAVIYIKALSTDSIERLPVYNKAAWKHYNTNHEADDWCVP
;
_entity_poly.pdbx_strand_id   A
#
# COMPACT_ATOMS: atom_id res chain seq x y z
N GLY A 1 30.77 8.75 4.37
CA GLY A 1 30.00 8.58 5.59
C GLY A 1 28.67 7.90 5.32
N VAL A 2 27.58 8.51 5.77
CA VAL A 2 26.25 8.04 5.37
C VAL A 2 26.04 8.14 3.86
N PRO A 3 26.41 9.24 3.19
CA PRO A 3 26.31 9.24 1.72
C PRO A 3 27.03 8.07 1.07
N GLY A 4 28.22 7.73 1.58
CA GLY A 4 28.95 6.59 1.02
C GLY A 4 28.23 5.27 1.23
N GLN A 5 27.61 5.09 2.40
CA GLN A 5 26.86 3.86 2.64
C GLN A 5 25.64 3.77 1.75
N VAL A 6 24.87 4.87 1.64
CA VAL A 6 23.71 4.87 0.76
C VAL A 6 24.13 4.60 -0.68
N ASP A 7 25.19 5.28 -1.15
CA ASP A 7 25.63 5.07 -2.53
C ASP A 7 26.04 3.61 -2.78
N PHE A 8 26.73 3.00 -1.82
CA PHE A 8 27.17 1.61 -2.02
C PHE A 8 25.99 0.67 -2.23
N TYR A 9 25.01 0.73 -1.34
CA TYR A 9 23.89 -0.22 -1.42
C TYR A 9 22.86 0.16 -2.46
N ALA A 10 22.78 1.44 -2.85
CA ALA A 10 21.86 1.84 -3.90
C ALA A 10 22.31 1.38 -5.28
N ARG A 11 23.58 0.98 -5.43
CA ARG A 11 24.04 0.42 -6.69
C ARG A 11 23.30 -0.87 -7.00
N PHE A 12 22.93 -1.62 -5.98
CA PHE A 12 22.29 -2.91 -6.19
C PHE A 12 20.80 -2.73 -6.49
N SER A 13 20.23 -3.74 -7.14
CA SER A 13 18.79 -3.74 -7.33
C SER A 13 18.13 -4.56 -6.22
N PRO A 14 16.97 -4.11 -5.71
CA PRO A 14 16.14 -4.98 -4.87
C PRO A 14 15.85 -6.31 -5.57
N SER A 15 15.69 -7.36 -4.77
CA SER A 15 15.43 -8.71 -5.31
C SER A 15 13.99 -9.09 -5.03
N PRO A 16 13.09 -9.06 -6.01
CA PRO A 16 11.68 -9.37 -5.74
C PRO A 16 11.48 -10.85 -5.44
N LEU A 17 10.63 -11.15 -4.46
CA LEU A 17 10.27 -12.51 -4.10
C LEU A 17 8.82 -12.80 -4.51
N SER A 18 8.52 -14.08 -4.70
CA SER A 18 7.11 -14.39 -4.91
C SER A 18 6.46 -14.76 -3.58
N MET A 19 5.14 -14.69 -3.55
CA MET A 19 4.40 -15.13 -2.38
C MET A 19 4.68 -16.60 -2.08
N LYS A 20 4.79 -17.42 -3.13
CA LYS A 20 5.13 -18.83 -2.97
C LYS A 20 6.48 -18.99 -2.29
N GLN A 21 7.45 -18.12 -2.60
CA GLN A 21 8.75 -18.19 -1.94
C GLN A 21 8.66 -17.75 -0.47
N PHE A 22 7.97 -16.64 -0.21
CA PHE A 22 7.73 -16.24 1.17
C PHE A 22 7.13 -17.39 1.97
N LEU A 23 6.12 -18.03 1.38
CA LEU A 23 5.45 -19.15 2.04
C LEU A 23 6.41 -20.31 2.27
N ASP A 24 7.13 -20.72 1.23
CA ASP A 24 8.00 -21.90 1.33
C ASP A 24 9.19 -21.62 2.23
N PHE A 25 9.76 -20.42 2.14
CA PHE A 25 10.97 -20.13 2.89
C PHE A 25 10.69 -19.93 4.38
N GLY A 26 9.44 -20.05 4.83
CA GLY A 26 9.16 -19.88 6.23
C GLY A 26 8.23 -20.92 6.82
N SER A 27 8.22 -22.13 6.26
CA SER A 27 7.34 -23.18 6.75
C SER A 27 8.19 -24.29 7.33
N VAL A 28 8.51 -25.33 6.57
CA VAL A 28 9.34 -26.41 7.08
C VAL A 28 10.79 -25.92 7.16
N ASN A 29 11.42 -26.13 8.32
CA ASN A 29 12.81 -25.73 8.55
C ASN A 29 13.03 -24.26 8.19
N ALA A 30 12.11 -23.40 8.63
CA ALA A 30 12.28 -21.96 8.47
C ALA A 30 13.58 -21.55 9.15
N CYS A 31 14.55 -21.09 8.37
CA CYS A 31 15.93 -21.00 8.83
C CYS A 31 16.32 -19.56 9.09
N GLU A 32 16.56 -19.24 10.37
CA GLU A 32 16.88 -17.89 10.77
C GLU A 32 18.23 -17.45 10.20
N LYS A 33 19.22 -18.36 10.17
CA LYS A 33 20.51 -18.02 9.58
C LYS A 33 20.35 -17.65 8.10
N THR A 34 19.54 -18.41 7.36
CA THR A 34 19.33 -18.12 5.94
C THR A 34 18.67 -16.77 5.76
N SER A 35 17.66 -16.46 6.59
CA SER A 35 17.04 -15.14 6.51
C SER A 35 18.04 -14.04 6.83
N PHE A 36 18.92 -14.28 7.81
CA PHE A 36 19.93 -13.28 8.14
C PHE A 36 20.85 -12.99 6.97
N MET A 37 21.38 -14.05 6.33
CA MET A 37 22.28 -13.84 5.20
C MET A 37 21.59 -13.07 4.08
N PHE A 38 20.30 -13.33 3.85
CA PHE A 38 19.56 -12.59 2.84
C PHE A 38 19.29 -11.16 3.31
N LEU A 39 18.68 -11.00 4.47
CA LEU A 39 18.20 -9.68 4.87
C LEU A 39 19.33 -8.73 5.25
N ARG A 40 20.49 -9.24 5.69
CA ARG A 40 21.52 -8.27 6.02
C ARG A 40 22.05 -7.56 4.79
N GLN A 41 21.80 -8.09 3.59
CA GLN A 41 22.03 -7.40 2.34
C GLN A 41 20.76 -6.77 1.79
N GLU A 42 19.63 -7.49 1.81
CA GLU A 42 18.44 -7.03 1.11
C GLU A 42 17.84 -5.80 1.77
N LEU A 43 17.78 -5.76 3.09
CA LEU A 43 17.21 -4.57 3.73
C LEU A 43 18.06 -3.33 3.48
N PRO A 44 19.38 -3.35 3.61
CA PRO A 44 20.13 -2.14 3.26
C PRO A 44 19.96 -1.74 1.81
N VAL A 45 19.85 -2.72 0.89
CA VAL A 45 19.65 -2.41 -0.51
C VAL A 45 18.32 -1.70 -0.71
N ARG A 46 17.24 -2.22 -0.14
CA ARG A 46 15.93 -1.60 -0.35
C ARG A 46 15.86 -0.22 0.31
N LEU A 47 16.45 -0.08 1.51
CA LEU A 47 16.47 1.24 2.16
C LEU A 47 17.28 2.23 1.34
N ALA A 48 18.49 1.84 0.92
CA ALA A 48 19.37 2.76 0.20
C ALA A 48 18.78 3.20 -1.13
N ASN A 49 18.16 2.27 -1.87
CA ASN A 49 17.59 2.63 -3.18
C ASN A 49 16.53 3.73 -3.03
N ILE A 50 15.67 3.62 -2.02
CA ILE A 50 14.63 4.65 -1.90
C ILE A 50 15.19 5.91 -1.26
N MET A 51 16.19 5.78 -0.38
CA MET A 51 16.81 6.96 0.21
C MET A 51 17.43 7.87 -0.86
N LYS A 52 17.96 7.30 -1.95
CA LYS A 52 18.46 8.13 -3.04
C LYS A 52 17.38 9.00 -3.65
N GLU A 53 16.14 8.52 -3.65
CA GLU A 53 15.07 9.30 -4.27
C GLU A 53 14.50 10.32 -3.30
N ILE A 54 14.50 10.04 -2.00
CA ILE A 54 14.13 11.06 -1.03
C ILE A 54 14.95 12.32 -1.27
N SER A 55 16.25 12.14 -1.56
CA SER A 55 17.16 13.25 -1.77
C SER A 55 16.83 14.06 -3.01
N LEU A 56 16.03 13.53 -3.92
CA LEU A 56 15.70 14.26 -5.14
C LEU A 56 14.43 15.10 -5.01
N LEU A 57 13.77 15.06 -3.86
CA LEU A 57 12.51 15.76 -3.67
C LEU A 57 12.70 17.27 -3.79
N PRO A 58 11.65 18.01 -4.18
CA PRO A 58 11.70 19.46 -4.07
C PRO A 58 12.12 19.87 -2.66
N ASP A 59 13.00 20.86 -2.59
CA ASP A 59 13.55 21.27 -1.30
C ASP A 59 12.46 21.57 -0.28
N ASN A 60 11.37 22.22 -0.71
CA ASN A 60 10.31 22.60 0.22
C ASN A 60 9.53 21.39 0.75
N LEU A 61 9.56 20.26 0.06
CA LEU A 61 8.99 19.05 0.62
C LEU A 61 10.03 18.31 1.47
N LEU A 62 11.24 18.18 0.93
CA LEU A 62 12.31 17.48 1.64
C LEU A 62 12.56 18.07 3.00
N ARG A 63 12.46 19.39 3.12
CA ARG A 63 12.79 20.06 4.37
C ARG A 63 11.65 20.07 5.38
N THR A 64 10.46 19.57 5.05
CA THR A 64 9.39 19.56 6.04
C THR A 64 9.82 18.73 7.25
N PRO A 65 9.34 19.06 8.44
CA PRO A 65 9.75 18.27 9.63
C PRO A 65 9.36 16.79 9.51
N SER A 66 8.25 16.47 8.86
CA SER A 66 7.84 15.07 8.78
C SER A 66 8.73 14.29 7.83
N VAL A 67 9.07 14.88 6.68
CA VAL A 67 9.96 14.15 5.77
C VAL A 67 11.34 14.00 6.42
N GLN A 68 11.82 15.04 7.10
CA GLN A 68 13.13 14.94 7.75
C GLN A 68 13.13 13.83 8.79
N LEU A 69 12.01 13.65 9.49
CA LEU A 69 11.90 12.57 10.48
C LEU A 69 11.96 11.21 9.80
N VAL A 70 11.17 11.01 8.73
CA VAL A 70 11.21 9.74 7.99
C VAL A 70 12.62 9.45 7.50
N GLN A 71 13.28 10.45 6.93
CA GLN A 71 14.63 10.24 6.43
C GLN A 71 15.59 9.87 7.55
N SER A 72 15.46 10.51 8.73
CA SER A 72 16.37 10.17 9.81
C SER A 72 16.12 8.75 10.31
N TRP A 73 14.86 8.29 10.32
CA TRP A 73 14.57 6.89 10.65
C TRP A 73 15.23 5.92 9.67
N TYR A 74 15.20 6.25 8.38
CA TYR A 74 15.80 5.38 7.38
C TYR A 74 17.32 5.36 7.53
N ILE A 75 17.92 6.52 7.78
CA ILE A 75 19.36 6.59 7.97
C ILE A 75 19.78 5.76 9.16
N GLN A 76 19.06 5.89 10.28
CA GLN A 76 19.43 5.17 11.49
C GLN A 76 19.27 3.67 11.31
N SER A 77 18.17 3.25 10.68
CA SER A 77 17.97 1.83 10.42
C SER A 77 19.03 1.27 9.48
N LEU A 78 19.38 2.02 8.43
CA LEU A 78 20.44 1.57 7.52
C LEU A 78 21.74 1.32 8.28
N GLN A 79 22.17 2.28 9.10
CA GLN A 79 23.42 2.12 9.84
C GLN A 79 23.37 0.92 10.77
N GLU A 80 22.24 0.72 11.47
CA GLU A 80 22.17 -0.38 12.42
C GLU A 80 22.23 -1.73 11.71
N LEU A 81 21.58 -1.84 10.54
CA LEU A 81 21.68 -3.08 9.76
C LEU A 81 23.11 -3.31 9.27
N LEU A 82 23.80 -2.23 8.86
CA LEU A 82 25.15 -2.37 8.33
C LEU A 82 26.15 -2.81 9.38
N ASP A 83 25.81 -2.71 10.66
CA ASP A 83 26.70 -3.23 11.69
C ASP A 83 26.92 -4.73 11.56
N PHE A 84 26.06 -5.44 10.83
CA PHE A 84 26.12 -6.90 10.77
C PHE A 84 26.83 -7.43 9.53
N LYS A 85 27.25 -6.56 8.62
CA LYS A 85 27.68 -7.02 7.31
C LYS A 85 28.92 -7.92 7.39
N ASP A 86 29.76 -7.73 8.42
CA ASP A 86 30.97 -8.51 8.59
C ASP A 86 30.88 -9.55 9.69
N LYS A 87 29.71 -9.73 10.31
CA LYS A 87 29.56 -10.82 11.25
C LYS A 87 29.44 -12.14 10.51
N SER A 88 29.66 -13.23 11.25
CA SER A 88 29.56 -14.57 10.70
C SER A 88 28.16 -15.13 10.91
N ALA A 89 27.62 -15.76 9.87
CA ALA A 89 26.32 -16.39 9.97
C ALA A 89 26.30 -17.55 10.96
N GLU A 90 27.46 -18.07 11.37
CA GLU A 90 27.50 -19.11 12.39
C GLU A 90 27.69 -18.55 13.79
N ASP A 91 27.79 -17.23 13.93
CA ASP A 91 27.86 -16.57 15.24
C ASP A 91 26.43 -16.45 15.77
N ALA A 92 26.07 -17.31 16.74
CA ALA A 92 24.69 -17.31 17.24
C ALA A 92 24.31 -15.98 17.85
N LYS A 93 25.25 -15.32 18.54
CA LYS A 93 24.93 -14.02 19.13
C LYS A 93 24.63 -13.00 18.04
N ALA A 94 25.38 -13.02 16.94
CA ALA A 94 25.10 -12.11 15.85
C ALA A 94 23.71 -12.35 15.27
N ILE A 95 23.31 -13.62 15.16
CA ILE A 95 21.99 -13.93 14.60
C ILE A 95 20.89 -13.43 15.52
N TYR A 96 21.06 -13.66 16.83
CA TYR A 96 20.07 -13.19 17.81
C TYR A 96 19.99 -11.67 17.79
N ASP A 97 21.15 -11.00 17.77
CA ASP A 97 21.17 -9.54 17.75
C ASP A 97 20.54 -9.00 16.48
N PHE A 98 20.73 -9.69 15.35
CA PHE A 98 20.15 -9.21 14.10
C PHE A 98 18.62 -9.27 14.14
N THR A 99 18.08 -10.38 14.64
CA THR A 99 16.63 -10.49 14.80
C THR A 99 16.09 -9.40 15.73
N ASP A 100 16.79 -9.14 16.84
CA ASP A 100 16.40 -8.03 17.71
C ASP A 100 16.38 -6.71 16.97
N THR A 101 17.39 -6.48 16.11
CA THR A 101 17.44 -5.23 15.34
C THR A 101 16.29 -5.14 14.35
N VAL A 102 15.96 -6.24 13.67
CA VAL A 102 14.83 -6.24 12.74
C VAL A 102 13.55 -5.87 13.48
N ILE A 103 13.33 -6.51 14.63
CA ILE A 103 12.14 -6.23 15.43
C ILE A 103 12.10 -4.77 15.85
N ARG A 104 13.26 -4.22 16.22
CA ARG A 104 13.34 -2.82 16.63
C ARG A 104 13.02 -1.89 15.47
N ILE A 105 13.58 -2.18 14.30
CA ILE A 105 13.31 -1.37 13.12
C ILE A 105 11.84 -1.47 12.74
N ARG A 106 11.27 -2.67 12.83
CA ARG A 106 9.85 -2.84 12.52
C ARG A 106 8.99 -1.91 13.38
N ASN A 107 9.27 -1.80 14.67
CA ASN A 107 8.51 -0.87 15.52
C ASN A 107 8.82 0.60 15.19
N ARG A 108 10.09 0.95 14.98
CA ARG A 108 10.46 2.34 14.69
C ARG A 108 9.81 2.85 13.41
N HIS A 109 9.70 2.00 12.39
CA HIS A 109 9.14 2.39 11.10
C HIS A 109 7.62 2.23 11.06
N ASN A 110 6.99 2.02 12.22
CA ASN A 110 5.58 1.66 12.28
C ASN A 110 4.66 2.74 11.71
N ASP A 111 5.04 3.99 11.80
CA ASP A 111 4.16 5.05 11.29
CA ASP A 111 4.23 5.13 11.38
C ASP A 111 4.84 5.84 10.18
N VAL A 112 5.60 5.13 9.34
CA VAL A 112 6.26 5.78 8.21
C VAL A 112 5.22 6.38 7.27
N ILE A 113 4.16 5.62 6.97
CA ILE A 113 3.19 6.07 5.96
C ILE A 113 2.43 7.29 6.46
N PRO A 114 1.83 7.30 7.66
CA PRO A 114 1.20 8.54 8.13
C PRO A 114 2.17 9.70 8.31
N THR A 115 3.45 9.42 8.60
CA THR A 115 4.38 10.53 8.77
C THR A 115 4.78 11.13 7.42
N MET A 116 5.04 10.29 6.43
CA MET A 116 5.26 10.83 5.08
C MET A 116 4.04 11.60 4.60
N ALA A 117 2.83 11.08 4.85
CA ALA A 117 1.62 11.78 4.44
C ALA A 117 1.53 13.15 5.11
N GLN A 118 1.97 13.25 6.37
CA GLN A 118 1.92 14.54 7.04
C GLN A 118 2.94 15.50 6.44
N GLY A 119 4.07 14.98 5.96
CA GLY A 119 5.00 15.83 5.23
C GLY A 119 4.37 16.42 3.99
N VAL A 120 3.57 15.63 3.28
CA VAL A 120 2.87 16.10 2.09
C VAL A 120 1.87 17.19 2.46
N ILE A 121 1.17 17.03 3.59
CA ILE A 121 0.28 18.07 4.10
C ILE A 121 1.06 19.34 4.43
N GLU A 122 2.17 19.19 5.16
CA GLU A 122 2.99 20.36 5.48
C GLU A 122 3.45 21.06 4.21
N TYR A 123 3.86 20.29 3.22
CA TYR A 123 4.32 20.83 1.95
C TYR A 123 3.23 21.64 1.27
N LYS A 124 2.05 21.05 1.10
CA LYS A 124 1.09 21.86 0.35
C LYS A 124 0.42 22.91 1.22
N GLU A 125 0.65 22.91 2.54
CA GLU A 125 0.18 24.00 3.40
C GLU A 125 1.03 25.25 3.27
N SER A 126 2.35 25.10 3.22
CA SER A 126 3.25 26.21 3.41
C SER A 126 3.76 26.80 2.10
N PHE A 127 3.55 26.12 0.98
CA PHE A 127 4.07 26.60 -0.30
C PHE A 127 3.12 26.38 -1.45
N GLY A 128 2.10 25.55 -1.30
CA GLY A 128 1.25 25.17 -2.41
C GLY A 128 1.88 24.07 -3.26
N VAL A 129 1.17 23.76 -4.34
CA VAL A 129 1.62 22.76 -5.31
C VAL A 129 2.38 23.50 -6.41
N ASP A 130 3.70 23.48 -6.32
CA ASP A 130 4.54 23.92 -7.44
C ASP A 130 4.24 23.02 -8.62
N PRO A 131 3.64 23.53 -9.69
CA PRO A 131 3.25 22.66 -10.81
C PRO A 131 4.43 22.04 -11.54
N VAL A 132 5.61 22.66 -11.49
CA VAL A 132 6.76 22.14 -12.22
C VAL A 132 7.27 20.85 -11.61
N THR A 133 7.29 20.77 -10.27
CA THR A 133 7.78 19.59 -9.57
C THR A 133 6.69 18.64 -9.13
N SER A 134 5.42 18.94 -9.43
CA SER A 134 4.34 18.12 -8.89
C SER A 134 4.31 16.74 -9.54
N GLN A 135 4.76 16.62 -10.80
CA GLN A 135 4.94 15.29 -11.38
C GLN A 135 5.97 14.50 -10.60
N ASN A 136 7.02 15.17 -10.10
CA ASN A 136 8.05 14.48 -9.34
C ASN A 136 7.50 13.95 -8.02
N VAL A 137 6.68 14.75 -7.33
CA VAL A 137 6.13 14.31 -6.05
C VAL A 137 5.24 13.08 -6.26
N GLN A 138 4.42 13.10 -7.30
CA GLN A 138 3.56 11.94 -7.58
C GLN A 138 4.40 10.70 -7.87
N TYR A 139 5.41 10.84 -8.73
CA TYR A 139 6.29 9.73 -9.06
C TYR A 139 6.99 9.18 -7.81
N PHE A 140 7.56 10.08 -7.01
CA PHE A 140 8.22 9.65 -5.78
C PHE A 140 7.27 8.91 -4.86
N LEU A 141 6.06 9.45 -4.63
CA LEU A 141 5.25 8.86 -3.56
C LEU A 141 4.77 7.46 -3.93
N ASP A 142 4.40 7.22 -5.21
CA ASP A 142 4.12 5.86 -5.64
C ASP A 142 5.26 4.92 -5.28
N ARG A 143 6.50 5.36 -5.51
CA ARG A 143 7.65 4.49 -5.32
C ARG A 143 8.03 4.38 -3.84
N PHE A 144 7.94 5.49 -3.10
CA PHE A 144 8.25 5.44 -1.68
C PHE A 144 7.28 4.53 -0.93
N TYR A 145 5.98 4.69 -1.20
CA TYR A 145 5.01 3.88 -0.48
C TYR A 145 5.10 2.41 -0.89
N MET A 146 5.34 2.12 -2.16
CA MET A 146 5.52 0.73 -2.56
C MET A 146 6.77 0.14 -1.90
N SER A 147 7.87 0.89 -1.94
CA SER A 147 9.07 0.48 -1.22
C SER A 147 8.77 0.18 0.24
N ARG A 148 8.03 1.08 0.90
CA ARG A 148 7.71 0.89 2.31
C ARG A 148 6.90 -0.39 2.52
N ILE A 149 5.90 -0.63 1.68
CA ILE A 149 5.13 -1.86 1.75
C ILE A 149 6.05 -3.08 1.65
N SER A 150 7.01 -3.02 0.72
CA SER A 150 7.91 -4.16 0.53
C SER A 150 8.86 -4.34 1.72
N ILE A 151 9.31 -3.24 2.32
CA ILE A 151 10.20 -3.35 3.47
C ILE A 151 9.42 -3.86 4.67
N ARG A 152 8.19 -3.36 4.84
CA ARG A 152 7.33 -3.84 5.92
C ARG A 152 7.08 -5.33 5.80
N MET A 153 6.89 -5.81 4.57
CA MET A 153 6.66 -7.24 4.33
C MET A 153 7.84 -8.07 4.84
N LEU A 154 9.07 -7.65 4.51
CA LEU A 154 10.25 -8.38 4.96
C LEU A 154 10.42 -8.31 6.48
N LEU A 155 10.22 -7.12 7.07
CA LEU A 155 10.35 -6.98 8.51
C LEU A 155 9.31 -7.83 9.24
N ASN A 156 8.07 -7.82 8.76
CA ASN A 156 7.02 -8.64 9.36
C ASN A 156 7.34 -10.12 9.27
N GLN A 157 7.73 -10.59 8.08
CA GLN A 157 8.01 -12.02 7.92
C GLN A 157 9.11 -12.46 8.88
N HIS A 158 10.23 -11.73 8.92
CA HIS A 158 11.31 -12.18 9.78
C HIS A 158 10.94 -12.07 11.26
N SER A 159 10.25 -10.99 11.64
CA SER A 159 9.90 -10.83 13.04
C SER A 159 8.92 -11.91 13.49
N LEU A 160 7.92 -12.19 12.66
CA LEU A 160 6.92 -13.19 13.03
C LEU A 160 7.48 -14.60 13.00
N LEU A 161 8.37 -14.90 12.04
CA LEU A 161 8.93 -16.25 11.97
C LEU A 161 9.90 -16.51 13.11
N PHE A 162 10.70 -15.52 13.49
CA PHE A 162 11.84 -15.76 14.37
C PHE A 162 11.82 -14.98 15.68
N GLY A 163 10.78 -14.18 15.94
CA GLY A 163 10.70 -13.44 17.19
C GLY A 163 10.09 -14.24 18.34
N GLY A 164 10.84 -15.20 18.87
CA GLY A 164 10.35 -16.03 19.95
C GLY A 164 11.47 -16.59 20.82
N HIS A 175 -1.15 -19.50 9.42
CA HIS A 175 -0.37 -18.31 9.08
C HIS A 175 1.13 -18.56 9.06
N ILE A 176 1.77 -18.23 7.94
CA ILE A 176 3.23 -18.28 7.80
C ILE A 176 3.71 -16.83 7.83
N GLY A 177 4.22 -16.39 8.98
CA GLY A 177 4.43 -14.96 9.18
C GLY A 177 3.10 -14.26 9.07
N SER A 178 3.01 -13.29 8.16
CA SER A 178 1.78 -12.54 7.93
C SER A 178 0.98 -13.09 6.77
N ILE A 179 1.44 -14.16 6.12
CA ILE A 179 0.76 -14.74 4.98
C ILE A 179 -0.19 -15.82 5.47
N ASN A 180 -1.44 -15.75 5.04
CA ASN A 180 -2.38 -16.84 5.26
C ASN A 180 -2.44 -17.70 4.01
N PRO A 181 -1.98 -18.96 4.04
CA PRO A 181 -2.09 -19.79 2.83
C PRO A 181 -3.51 -20.10 2.42
N ASN A 182 -4.49 -19.87 3.30
CA ASN A 182 -5.91 -20.13 3.03
C ASN A 182 -6.73 -18.94 3.46
N CYS A 183 -6.38 -17.76 2.93
CA CYS A 183 -7.10 -16.55 3.27
C CYS A 183 -8.55 -16.65 2.79
N ASN A 184 -9.49 -16.50 3.73
CA ASN A 184 -10.91 -16.59 3.43
C ASN A 184 -11.39 -15.25 2.93
N VAL A 185 -11.55 -15.13 1.61
CA VAL A 185 -11.75 -13.84 0.96
C VAL A 185 -13.05 -13.19 1.41
N LEU A 186 -14.14 -13.97 1.44
CA LEU A 186 -15.43 -13.37 1.81
C LEU A 186 -15.45 -12.91 3.26
N GLU A 187 -14.75 -13.63 4.15
CA GLU A 187 -14.72 -13.18 5.54
C GLU A 187 -13.98 -11.85 5.68
N VAL A 188 -12.88 -11.66 4.95
CA VAL A 188 -12.21 -10.37 4.99
C VAL A 188 -13.11 -9.26 4.45
N ILE A 189 -13.83 -9.54 3.37
CA ILE A 189 -14.73 -8.56 2.77
C ILE A 189 -15.82 -8.16 3.77
N LYS A 190 -16.41 -9.14 4.46
CA LYS A 190 -17.44 -8.81 5.43
C LYS A 190 -16.87 -7.99 6.58
N ASP A 191 -15.64 -8.29 6.99
CA ASP A 191 -14.96 -7.52 8.04
C ASP A 191 -14.79 -6.07 7.60
N GLY A 192 -14.29 -5.86 6.37
CA GLY A 192 -14.22 -4.51 5.84
C GLY A 192 -15.57 -3.82 5.78
N TYR A 193 -16.60 -4.52 5.34
CA TYR A 193 -17.92 -3.90 5.27
C TYR A 193 -18.40 -3.48 6.66
N GLU A 194 -18.26 -4.36 7.65
CA GLU A 194 -18.79 -4.07 8.97
C GLU A 194 -18.08 -2.88 9.62
N ASN A 195 -16.77 -2.78 9.46
CA ASN A 195 -16.03 -1.65 10.01
C ASN A 195 -16.38 -0.35 9.29
N ALA A 196 -16.46 -0.38 7.95
CA ALA A 196 -16.91 0.80 7.22
C ALA A 196 -18.34 1.20 7.60
N ARG A 197 -19.23 0.21 7.73
CA ARG A 197 -20.62 0.51 8.05
C ARG A 197 -20.74 1.19 9.41
N ARG A 198 -19.94 0.74 10.37
CA ARG A 198 -19.92 1.32 11.70
C ARG A 198 -19.61 2.81 11.64
N LEU A 199 -18.60 3.17 10.87
CA LEU A 199 -18.21 4.58 10.74
C LEU A 199 -19.21 5.35 9.91
N CYS A 200 -19.81 4.70 8.91
CA CYS A 200 -20.86 5.33 8.11
C CYS A 200 -22.07 5.68 8.98
N ASP A 201 -22.51 4.73 9.81
CA ASP A 201 -23.62 4.96 10.74
C ASP A 201 -23.32 6.14 11.66
N LEU A 202 -22.07 6.25 12.14
CA LEU A 202 -21.74 7.33 13.07
C LEU A 202 -21.84 8.70 12.39
N TYR A 203 -21.52 8.78 11.10
CA TYR A 203 -21.47 10.06 10.41
C TYR A 203 -22.79 10.42 9.75
N TYR A 204 -23.44 9.45 9.09
CA TYR A 204 -24.67 9.70 8.33
C TYR A 204 -25.93 9.18 9.02
N ILE A 205 -25.80 8.48 10.14
CA ILE A 205 -26.95 7.97 10.91
C ILE A 205 -27.71 6.94 10.08
N ASN A 206 -27.06 6.38 9.08
CA ASN A 206 -27.63 5.31 8.26
C ASN A 206 -26.49 4.79 7.39
N SER A 207 -26.73 3.69 6.68
CA SER A 207 -25.68 3.13 5.84
C SER A 207 -26.31 2.19 4.82
N PRO A 208 -25.65 1.97 3.69
CA PRO A 208 -26.18 1.02 2.71
C PRO A 208 -26.01 -0.43 3.18
N GLU A 209 -26.96 -1.26 2.82
CA GLU A 209 -26.81 -2.70 3.03
C GLU A 209 -25.78 -3.26 2.08
N LEU A 210 -25.28 -4.46 2.41
CA LEU A 210 -24.36 -5.21 1.56
C LEU A 210 -25.09 -6.33 0.85
N GLU A 211 -24.97 -6.40 -0.48
CA GLU A 211 -25.43 -7.56 -1.24
C GLU A 211 -24.20 -8.24 -1.83
N LEU A 212 -23.95 -9.46 -1.39
CA LEU A 212 -22.69 -10.15 -1.71
C LEU A 212 -22.99 -11.39 -2.53
N GLU A 213 -22.27 -11.56 -3.63
CA GLU A 213 -22.43 -12.69 -4.54
C GLU A 213 -21.05 -13.24 -4.82
N GLU A 214 -20.93 -14.57 -4.94
CA GLU A 214 -19.63 -15.16 -5.19
C GLU A 214 -19.73 -16.26 -6.24
N LEU A 215 -18.67 -16.40 -7.04
CA LEU A 215 -18.61 -17.48 -8.02
C LEU A 215 -17.21 -18.07 -7.97
N ASN A 216 -17.12 -19.32 -7.56
CA ASN A 216 -15.87 -20.08 -7.62
C ASN A 216 -15.87 -20.80 -8.94
N ALA A 217 -15.38 -20.14 -9.99
CA ALA A 217 -15.38 -20.78 -11.30
C ALA A 217 -14.39 -21.94 -11.32
N LYS A 218 -13.25 -21.75 -10.66
CA LYS A 218 -12.27 -22.83 -10.52
C LYS A 218 -12.90 -24.11 -9.99
N SER A 219 -13.71 -24.00 -8.94
CA SER A 219 -14.28 -25.16 -8.25
C SER A 219 -15.65 -24.80 -7.69
N PRO A 220 -16.70 -24.95 -8.49
CA PRO A 220 -17.98 -24.31 -8.16
C PRO A 220 -18.56 -24.77 -6.83
N GLY A 221 -19.10 -23.81 -6.07
CA GLY A 221 -19.66 -24.08 -4.76
C GLY A 221 -18.67 -24.14 -3.61
N GLN A 222 -17.38 -24.33 -3.88
CA GLN A 222 -16.34 -24.38 -2.86
C GLN A 222 -15.99 -22.99 -2.35
N PRO A 223 -15.60 -22.88 -1.08
CA PRO A 223 -15.19 -21.57 -0.56
C PRO A 223 -14.03 -20.99 -1.36
N ILE A 224 -14.03 -19.68 -1.49
CA ILE A 224 -13.02 -18.97 -2.26
C ILE A 224 -11.88 -18.60 -1.30
N GLN A 225 -10.72 -19.22 -1.51
CA GLN A 225 -9.53 -18.97 -0.70
C GLN A 225 -8.35 -18.76 -1.62
N VAL A 226 -7.44 -17.88 -1.22
CA VAL A 226 -6.16 -17.71 -1.90
C VAL A 226 -5.07 -17.53 -0.85
N VAL A 227 -3.84 -17.75 -1.30
CA VAL A 227 -2.64 -17.38 -0.54
C VAL A 227 -2.54 -15.85 -0.58
N TYR A 228 -2.60 -15.19 0.58
CA TYR A 228 -2.54 -13.73 0.58
C TYR A 228 -2.24 -13.23 1.99
N VAL A 229 -1.89 -11.94 2.07
CA VAL A 229 -1.73 -11.26 3.35
C VAL A 229 -3.07 -10.62 3.69
N PRO A 230 -3.80 -11.12 4.69
CA PRO A 230 -5.18 -10.68 4.89
C PRO A 230 -5.32 -9.18 5.12
N SER A 231 -4.36 -8.57 5.84
CA SER A 231 -4.50 -7.15 6.11
C SER A 231 -4.40 -6.31 4.83
N HIS A 232 -3.63 -6.77 3.83
CA HIS A 232 -3.58 -6.05 2.57
C HIS A 232 -4.94 -6.02 1.90
N LEU A 233 -5.59 -7.18 1.85
CA LEU A 233 -6.93 -7.27 1.27
C LEU A 233 -7.93 -6.43 2.08
N TYR A 234 -7.83 -6.50 3.42
CA TYR A 234 -8.71 -5.70 4.27
C TYR A 234 -8.59 -4.22 3.95
N HIS A 235 -7.36 -3.71 3.88
CA HIS A 235 -7.17 -2.27 3.64
C HIS A 235 -7.79 -1.84 2.31
N MET A 236 -7.62 -2.66 1.28
CA MET A 236 -8.19 -2.30 -0.02
C MET A 236 -9.72 -2.33 0.01
N VAL A 237 -10.32 -3.38 0.59
CA VAL A 237 -11.78 -3.44 0.54
C VAL A 237 -12.39 -2.39 1.47
N PHE A 238 -11.75 -2.13 2.62
CA PHE A 238 -12.24 -1.06 3.49
C PHE A 238 -12.27 0.27 2.75
N GLU A 239 -11.18 0.59 2.06
CA GLU A 239 -11.14 1.85 1.31
C GLU A 239 -12.29 1.95 0.33
N LEU A 240 -12.58 0.86 -0.40
CA LEU A 240 -13.61 0.91 -1.43
C LEU A 240 -15.00 1.01 -0.82
N PHE A 241 -15.24 0.30 0.30
CA PHE A 241 -16.52 0.43 1.00
C PHE A 241 -16.75 1.86 1.47
N LYS A 242 -15.72 2.44 2.09
CA LYS A 242 -15.80 3.82 2.57
C LYS A 242 -16.15 4.78 1.43
N ASN A 243 -15.50 4.63 0.28
CA ASN A 243 -15.81 5.48 -0.88
C ASN A 243 -17.25 5.29 -1.33
N ALA A 244 -17.67 4.03 -1.50
CA ALA A 244 -19.03 3.76 -1.96
C ALA A 244 -20.08 4.20 -0.94
N MET A 245 -19.76 4.14 0.35
CA MET A 245 -20.72 4.62 1.35
C MET A 245 -20.83 6.14 1.34
N ARG A 246 -19.70 6.83 1.31
CA ARG A 246 -19.74 8.30 1.20
C ARG A 246 -20.58 8.72 0.00
N ALA A 247 -20.33 8.08 -1.15
CA ALA A 247 -21.05 8.44 -2.37
C ALA A 247 -22.55 8.17 -2.23
N THR A 248 -22.92 6.99 -1.72
CA THR A 248 -24.33 6.62 -1.64
C THR A 248 -25.08 7.52 -0.67
N MET A 249 -24.51 7.74 0.51
CA MET A 249 -25.21 8.48 1.55
C MET A 249 -25.37 9.94 1.17
N GLU A 250 -24.38 10.52 0.50
CA GLU A 250 -24.50 11.91 0.10
C GLU A 250 -25.33 12.08 -1.16
N HIS A 251 -25.27 11.14 -2.10
CA HIS A 251 -26.07 11.28 -3.31
C HIS A 251 -27.57 11.13 -3.03
N HIS A 252 -27.95 10.27 -2.11
CA HIS A 252 -29.36 9.98 -1.87
C HIS A 252 -29.87 10.61 -0.58
N ALA A 253 -29.13 11.59 -0.05
CA ALA A 253 -29.50 12.21 1.22
C ALA A 253 -30.91 12.80 1.17
N ASN A 254 -31.28 13.40 0.03
CA ASN A 254 -32.61 14.04 -0.06
C ASN A 254 -33.74 13.02 0.01
N ARG A 255 -33.56 11.87 -0.64
CA ARG A 255 -34.59 10.84 -0.67
C ARG A 255 -34.72 10.11 0.67
N GLY A 256 -33.61 9.92 1.38
CA GLY A 256 -33.70 9.14 2.60
C GLY A 256 -33.83 7.64 2.41
N VAL A 257 -33.72 7.16 1.18
CA VAL A 257 -33.70 5.75 0.86
C VAL A 257 -32.38 5.46 0.16
N TYR A 258 -31.62 4.50 0.69
CA TYR A 258 -30.24 4.32 0.26
C TYR A 258 -30.05 2.97 -0.42
N PRO A 259 -29.61 2.98 -1.67
CA PRO A 259 -29.43 1.72 -2.40
C PRO A 259 -28.28 0.92 -1.81
N PRO A 260 -28.32 -0.41 -1.91
CA PRO A 260 -27.24 -1.22 -1.35
C PRO A 260 -25.96 -1.10 -2.16
N ILE A 261 -24.87 -1.55 -1.54
CA ILE A 261 -23.60 -1.74 -2.22
C ILE A 261 -23.51 -3.21 -2.59
N GLN A 262 -23.28 -3.50 -3.87
CA GLN A 262 -23.20 -4.87 -4.37
C GLN A 262 -21.74 -5.23 -4.55
N VAL A 263 -21.36 -6.41 -4.06
CA VAL A 263 -20.00 -6.92 -4.22
C VAL A 263 -20.08 -8.28 -4.88
N HIS A 264 -19.29 -8.47 -5.92
CA HIS A 264 -19.28 -9.70 -6.68
C HIS A 264 -17.85 -10.24 -6.66
N VAL A 265 -17.68 -11.44 -6.13
CA VAL A 265 -16.37 -12.06 -5.94
C VAL A 265 -16.28 -13.25 -6.87
N THR A 266 -15.24 -13.29 -7.69
CA THR A 266 -15.06 -14.38 -8.63
CA THR A 266 -15.07 -14.37 -8.65
C THR A 266 -13.64 -14.90 -8.54
N LEU A 267 -13.50 -16.22 -8.53
CA LEU A 267 -12.20 -16.87 -8.58
C LEU A 267 -12.11 -17.55 -9.95
N GLY A 268 -11.27 -17.01 -10.82
CA GLY A 268 -11.03 -17.60 -12.12
C GLY A 268 -9.75 -18.44 -12.12
N ASN A 269 -9.37 -18.90 -13.31
CA ASN A 269 -8.16 -19.70 -13.42
CA ASN A 269 -8.16 -19.69 -13.43
C ASN A 269 -6.92 -18.91 -13.01
N GLU A 270 -6.93 -17.60 -13.25
CA GLU A 270 -5.78 -16.74 -13.03
C GLU A 270 -6.05 -15.58 -12.06
N ASP A 271 -7.28 -15.07 -12.04
CA ASP A 271 -7.61 -13.86 -11.30
C ASP A 271 -8.61 -14.16 -10.19
N LEU A 272 -8.33 -13.61 -9.01
CA LEU A 272 -9.36 -13.34 -8.02
C LEU A 272 -9.80 -11.91 -8.23
N THR A 273 -11.09 -11.69 -8.46
CA THR A 273 -11.63 -10.37 -8.71
CA THR A 273 -11.59 -10.35 -8.67
C THR A 273 -12.67 -10.04 -7.64
N VAL A 274 -12.61 -8.81 -7.11
CA VAL A 274 -13.62 -8.31 -6.18
C VAL A 274 -14.16 -7.03 -6.81
N LYS A 275 -15.41 -7.06 -7.25
CA LYS A 275 -16.03 -5.90 -7.87
C LYS A 275 -17.07 -5.29 -6.92
N MET A 276 -16.93 -3.99 -6.65
CA MET A 276 -17.85 -3.26 -5.77
C MET A 276 -18.59 -2.20 -6.58
N SER A 277 -19.92 -2.25 -6.55
CA SER A 277 -20.77 -1.37 -7.35
C SER A 277 -21.65 -0.54 -6.43
N ASP A 278 -21.74 0.76 -6.71
CA ASP A 278 -22.60 1.63 -5.95
C ASP A 278 -23.45 2.47 -6.90
N ARG A 279 -24.49 3.08 -6.35
CA ARG A 279 -25.37 3.97 -7.08
C ARG A 279 -25.23 5.40 -6.58
N GLY A 280 -23.99 5.82 -6.34
CA GLY A 280 -23.68 7.11 -5.74
C GLY A 280 -23.59 8.27 -6.70
N GLY A 281 -24.00 8.09 -7.96
CA GLY A 281 -24.05 9.20 -8.91
C GLY A 281 -22.82 9.37 -9.78
N GLY A 282 -21.71 8.73 -9.41
CA GLY A 282 -20.56 8.61 -10.30
C GLY A 282 -19.72 9.88 -10.39
N VAL A 283 -18.75 9.82 -11.27
CA VAL A 283 -17.77 10.90 -11.46
C VAL A 283 -17.36 10.88 -12.94
N PRO A 284 -17.25 12.02 -13.61
CA PRO A 284 -16.90 12.00 -15.03
C PRO A 284 -15.48 11.49 -15.25
N LEU A 285 -15.28 10.85 -16.41
CA LEU A 285 -14.00 10.22 -16.70
C LEU A 285 -12.84 11.20 -16.55
N ARG A 286 -13.04 12.45 -16.99
CA ARG A 286 -11.99 13.47 -16.89
C ARG A 286 -11.48 13.64 -15.46
N LYS A 287 -12.31 13.38 -14.46
CA LYS A 287 -11.95 13.69 -13.07
C LYS A 287 -11.52 12.47 -12.26
N ILE A 288 -11.59 11.28 -12.84
CA ILE A 288 -11.37 10.08 -12.05
C ILE A 288 -9.88 9.92 -11.68
N ASP A 289 -8.96 10.29 -12.58
CA ASP A 289 -7.55 10.04 -12.29
C ASP A 289 -7.00 10.94 -11.18
N ARG A 290 -7.61 12.09 -10.92
CA ARG A 290 -7.23 12.90 -9.76
C ARG A 290 -7.30 12.11 -8.48
N LEU A 291 -8.17 11.09 -8.44
CA LEU A 291 -8.38 10.33 -7.20
C LEU A 291 -7.16 9.52 -6.83
N PHE A 292 -6.27 9.27 -7.79
CA PHE A 292 -5.03 8.56 -7.53
C PHE A 292 -3.85 9.51 -7.37
N ASN A 293 -4.10 10.81 -7.29
CA ASN A 293 -3.05 11.81 -7.17
C ASN A 293 -2.88 12.18 -5.70
N TYR A 294 -1.64 12.07 -5.18
CA TYR A 294 -1.43 12.30 -3.75
C TYR A 294 -1.72 13.75 -3.35
N MET A 295 -1.26 14.71 -4.15
CA MET A 295 -1.48 16.11 -3.77
C MET A 295 -2.96 16.42 -3.71
N TYR A 296 -3.73 15.86 -4.64
CA TYR A 296 -5.17 16.10 -4.63
C TYR A 296 -5.85 15.38 -3.49
N SER A 297 -5.42 14.16 -3.16
CA SER A 297 -6.18 13.33 -2.23
C SER A 297 -5.73 13.41 -0.77
N THR A 298 -4.77 14.26 -0.43
CA THR A 298 -4.32 14.38 0.95
C THR A 298 -4.89 15.66 1.55
N ALA A 299 -5.66 15.50 2.63
CA ALA A 299 -6.22 16.61 3.39
C ALA A 299 -5.77 16.53 4.84
N PRO A 300 -5.72 17.66 5.56
CA PRO A 300 -5.33 17.60 6.98
C PRO A 300 -6.27 16.67 7.74
N ARG A 301 -5.69 15.87 8.62
CA ARG A 301 -6.47 14.89 9.36
C ARG A 301 -7.41 15.60 10.32
N PRO A 302 -8.50 14.95 10.73
CA PRO A 302 -9.46 15.60 11.63
C PRO A 302 -8.80 15.89 12.97
N ARG A 303 -9.19 17.00 13.58
CA ARG A 303 -8.62 17.36 14.87
C ARG A 303 -9.11 16.41 15.95
N VAL A 304 -8.25 16.19 16.95
CA VAL A 304 -8.56 15.29 18.06
C VAL A 304 -9.67 15.86 18.91
N GLU A 305 -9.65 17.17 19.15
CA GLU A 305 -10.45 17.80 20.18
C GLU A 305 -11.90 18.05 19.73
N THR A 306 -12.59 16.95 19.40
CA THR A 306 -14.00 17.08 19.04
C THR A 306 -14.75 15.78 19.33
N SER A 307 -16.01 15.93 19.71
CA SER A 307 -16.94 14.82 19.88
C SER A 307 -17.68 14.47 18.58
N ARG A 308 -17.62 15.33 17.57
CA ARG A 308 -18.36 15.10 16.34
C ARG A 308 -17.77 13.93 15.55
N ALA A 309 -18.65 13.18 14.90
CA ALA A 309 -18.23 12.00 14.17
C ALA A 309 -17.20 12.39 13.11
N VAL A 310 -16.25 11.49 12.89
CA VAL A 310 -15.16 11.73 11.94
C VAL A 310 -15.68 11.43 10.53
N PRO A 311 -15.46 12.32 9.55
CA PRO A 311 -15.87 12.03 8.18
C PRO A 311 -15.15 10.80 7.67
N LEU A 312 -15.82 10.07 6.77
CA LEU A 312 -15.22 8.85 6.25
C LEU A 312 -13.86 9.11 5.61
N ALA A 313 -13.67 10.30 5.02
CA ALA A 313 -12.40 10.60 4.37
C ALA A 313 -11.24 10.58 5.35
N GLY A 314 -11.52 10.65 6.65
CA GLY A 314 -10.47 10.62 7.64
C GLY A 314 -9.96 9.25 8.01
N PHE A 315 -10.41 8.19 7.34
CA PHE A 315 -10.01 6.84 7.66
C PHE A 315 -9.37 6.20 6.45
N GLY A 316 -8.56 5.18 6.70
CA GLY A 316 -8.02 4.34 5.66
C GLY A 316 -6.70 4.86 5.12
N TYR A 317 -6.10 4.03 4.25
CA TYR A 317 -4.84 4.38 3.61
C TYR A 317 -5.02 5.34 2.42
N GLY A 318 -6.22 5.47 1.90
CA GLY A 318 -6.44 6.25 0.69
C GLY A 318 -6.37 5.39 -0.56
N LEU A 319 -6.96 5.93 -1.64
CA LEU A 319 -7.02 5.16 -2.89
C LEU A 319 -5.64 4.89 -3.50
N PRO A 320 -4.74 5.86 -3.61
CA PRO A 320 -3.42 5.55 -4.24
C PRO A 320 -2.69 4.43 -3.53
N ILE A 321 -2.59 4.49 -2.20
CA ILE A 321 -1.87 3.45 -1.49
C ILE A 321 -2.61 2.12 -1.59
N SER A 322 -3.94 2.15 -1.57
CA SER A 322 -4.72 0.92 -1.76
C SER A 322 -4.39 0.27 -3.09
N ARG A 323 -4.28 1.07 -4.15
CA ARG A 323 -3.91 0.50 -5.45
C ARG A 323 -2.50 -0.06 -5.44
N LEU A 324 -1.58 0.59 -4.70
CA LEU A 324 -0.23 0.07 -4.54
C LEU A 324 -0.23 -1.30 -3.86
N TYR A 325 -1.06 -1.46 -2.83
CA TYR A 325 -1.20 -2.78 -2.21
C TYR A 325 -1.61 -3.83 -3.22
N ALA A 326 -2.58 -3.50 -4.09
CA ALA A 326 -2.99 -4.47 -5.12
C ALA A 326 -1.84 -4.75 -6.07
N GLN A 327 -1.19 -3.69 -6.57
CA GLN A 327 -0.12 -3.83 -7.55
C GLN A 327 1.15 -4.45 -6.96
N TYR A 328 1.31 -4.44 -5.63
CA TYR A 328 2.52 -4.93 -5.01
C TYR A 328 2.78 -6.39 -5.36
N PHE A 329 1.73 -7.20 -5.43
CA PHE A 329 1.85 -8.61 -5.81
C PHE A 329 1.28 -8.87 -7.20
N GLN A 330 1.46 -7.91 -8.12
CA GLN A 330 1.04 -8.01 -9.51
C GLN A 330 -0.47 -8.01 -9.69
N GLY A 331 -1.21 -7.48 -8.72
CA GLY A 331 -2.63 -7.23 -8.88
C GLY A 331 -2.89 -5.84 -9.40
N ASP A 332 -4.13 -5.38 -9.21
CA ASP A 332 -4.45 -4.02 -9.61
C ASP A 332 -5.74 -3.60 -8.93
N LEU A 333 -6.04 -2.31 -9.03
CA LEU A 333 -7.26 -1.73 -8.48
C LEU A 333 -7.68 -0.67 -9.46
N LYS A 334 -8.87 -0.84 -10.07
CA LYS A 334 -9.33 0.01 -11.17
C LYS A 334 -10.71 0.55 -10.86
N LEU A 335 -10.97 1.77 -11.32
CA LEU A 335 -12.25 2.44 -11.15
C LEU A 335 -12.87 2.67 -12.51
N TYR A 336 -14.16 2.37 -12.65
N TYR A 336 -14.18 2.41 -12.60
CA TYR A 336 -14.86 2.89 -13.82
CA TYR A 336 -14.99 2.69 -13.79
C TYR A 336 -16.27 3.30 -13.44
C TYR A 336 -16.31 3.31 -13.35
N SER A 337 -16.60 4.53 -13.81
CA SER A 337 -17.79 5.23 -13.36
C SER A 337 -18.71 5.58 -14.52
N LEU A 338 -20.01 5.58 -14.24
CA LEU A 338 -21.01 6.08 -15.17
C LEU A 338 -21.54 7.36 -14.55
N GLU A 339 -21.05 8.51 -15.00
CA GLU A 339 -21.44 9.79 -14.42
C GLU A 339 -22.94 9.94 -14.50
N GLY A 340 -23.57 10.23 -13.36
CA GLY A 340 -25.00 10.34 -13.25
C GLY A 340 -25.64 9.12 -12.61
N TYR A 341 -24.93 8.01 -12.55
CA TYR A 341 -25.48 6.75 -12.07
C TYR A 341 -24.69 6.20 -10.88
N GLY A 342 -23.42 5.89 -11.05
CA GLY A 342 -22.67 5.25 -9.99
C GLY A 342 -21.34 4.73 -10.50
N THR A 343 -20.64 4.02 -9.62
CA THR A 343 -19.25 3.64 -9.86
C THR A 343 -18.99 2.18 -9.54
N ASP A 344 -18.18 1.54 -10.37
CA ASP A 344 -17.63 0.21 -10.14
C ASP A 344 -16.16 0.33 -9.76
N ALA A 345 -15.76 -0.34 -8.69
CA ALA A 345 -14.38 -0.42 -8.27
C ALA A 345 -14.01 -1.90 -8.27
N VAL A 346 -12.84 -2.23 -8.81
CA VAL A 346 -12.49 -3.63 -9.00
C VAL A 346 -11.09 -3.88 -8.47
N ILE A 347 -10.97 -4.83 -7.56
CA ILE A 347 -9.67 -5.34 -7.12
C ILE A 347 -9.32 -6.58 -7.93
N TYR A 348 -8.12 -6.62 -8.46
CA TYR A 348 -7.58 -7.80 -9.13
C TYR A 348 -6.41 -8.33 -8.31
N ILE A 349 -6.47 -9.63 -7.99
CA ILE A 349 -5.43 -10.32 -7.23
C ILE A 349 -5.05 -11.59 -7.99
N LYS A 350 -3.76 -11.91 -8.03
CA LYS A 350 -3.35 -13.16 -8.67
C LYS A 350 -3.87 -14.35 -7.87
N ALA A 351 -4.58 -15.27 -8.55
CA ALA A 351 -5.09 -16.45 -7.85
C ALA A 351 -3.98 -17.41 -7.44
N LEU A 352 -2.81 -17.34 -8.06
CA LEU A 352 -1.73 -18.30 -7.80
C LEU A 352 -0.56 -17.61 -7.10
N SER A 353 -0.05 -18.24 -6.05
CA SER A 353 1.06 -17.64 -5.29
C SER A 353 2.31 -17.51 -6.15
N THR A 354 2.47 -18.38 -7.15
CA THR A 354 3.65 -18.31 -8.00
C THR A 354 3.62 -17.13 -8.97
N ASP A 355 2.44 -16.58 -9.28
CA ASP A 355 2.33 -15.38 -10.09
C ASP A 355 2.43 -14.11 -9.24
N SER A 356 2.42 -14.24 -7.92
CA SER A 356 2.39 -13.08 -7.03
C SER A 356 3.82 -12.69 -6.67
N ILE A 357 4.44 -11.89 -7.54
CA ILE A 357 5.83 -11.48 -7.40
C ILE A 357 5.88 -10.00 -6.99
N GLU A 358 6.73 -9.69 -6.01
CA GLU A 358 6.85 -8.30 -5.55
C GLU A 358 7.15 -7.36 -6.72
N ARG A 359 6.44 -6.24 -6.75
CA ARG A 359 6.71 -5.17 -7.71
C ARG A 359 7.49 -4.07 -6.98
N LEU A 360 8.78 -3.92 -7.30
CA LEU A 360 9.68 -3.08 -6.50
C LEU A 360 10.31 -1.99 -7.35
N PRO A 361 10.35 -0.75 -6.86
CA PRO A 361 11.09 0.29 -7.58
C PRO A 361 12.60 0.12 -7.39
N VAL A 362 13.37 0.55 -8.38
CA VAL A 362 14.82 0.47 -8.33
C VAL A 362 15.39 1.83 -8.70
N TYR A 363 16.40 2.28 -7.94
CA TYR A 363 17.08 3.53 -8.24
C TYR A 363 18.20 3.28 -9.25
N ASN A 364 18.15 3.98 -10.39
CA ASN A 364 19.19 3.89 -11.41
C ASN A 364 19.07 5.15 -12.28
N LYS A 365 19.79 5.16 -13.40
CA LYS A 365 19.77 6.31 -14.29
C LYS A 365 18.37 6.61 -14.80
N ALA A 366 17.57 5.57 -15.08
CA ALA A 366 16.20 5.81 -15.55
C ALA A 366 15.36 6.49 -14.48
N ALA A 367 15.47 6.03 -13.23
CA ALA A 367 14.74 6.68 -12.15
C ALA A 367 15.16 8.13 -11.99
N TRP A 368 16.48 8.38 -11.99
CA TRP A 368 16.96 9.74 -11.84
C TRP A 368 16.46 10.62 -12.98
N LYS A 369 16.52 10.11 -14.22
CA LYS A 369 16.03 10.88 -15.35
C LYS A 369 14.56 11.27 -15.20
N HIS A 370 13.76 10.42 -14.54
CA HIS A 370 12.37 10.75 -14.34
C HIS A 370 12.21 12.03 -13.54
N TYR A 371 13.10 12.27 -12.57
CA TYR A 371 13.01 13.50 -11.79
C TYR A 371 13.51 14.72 -12.56
N ASN A 372 14.21 14.52 -13.67
CA ASN A 372 14.84 15.63 -14.38
C ASN A 372 14.37 15.78 -15.81
N THR A 373 13.31 15.07 -16.21
CA THR A 373 12.70 15.22 -17.52
C THR A 373 11.27 15.71 -17.35
N ASN A 374 10.73 16.25 -18.43
CA ASN A 374 9.32 16.55 -18.56
C ASN A 374 8.70 15.55 -19.54
N HIS A 375 7.57 14.96 -19.15
CA HIS A 375 6.96 13.87 -19.91
C HIS A 375 5.73 14.41 -20.63
N GLU A 376 5.99 14.99 -21.81
CA GLU A 376 4.97 15.66 -22.61
C GLU A 376 4.78 14.89 -23.92
N ALA A 377 3.56 14.40 -24.15
CA ALA A 377 3.21 13.62 -25.34
C ALA A 377 3.05 14.57 -26.54
N ASP A 378 4.21 15.07 -27.01
CA ASP A 378 4.28 16.02 -28.11
C ASP A 378 3.98 15.39 -29.47
N ASP A 379 3.84 14.05 -29.56
CA ASP A 379 3.56 13.39 -30.83
C ASP A 379 2.07 13.37 -31.17
N TRP A 380 1.23 13.96 -30.31
CA TRP A 380 -0.19 14.19 -30.55
C TRP A 380 -0.49 15.67 -30.38
N CYS A 381 -1.52 16.15 -31.08
CA CYS A 381 -1.92 17.54 -30.98
C CYS A 381 -2.50 17.85 -29.60
N VAL A 382 -2.15 19.04 -29.07
CA VAL A 382 -2.45 19.35 -27.68
C VAL A 382 -3.95 19.36 -27.36
N PRO A 383 -4.82 20.07 -28.12
CA PRO A 383 -6.25 20.15 -27.75
C PRO A 383 -6.92 18.81 -27.42
#